data_4IJ8
#
_entry.id   4IJ8
#
_cell.length_a   101.439
_cell.length_b   101.439
_cell.length_c   140.799
_cell.angle_alpha   90.000
_cell.angle_beta   90.000
_cell.angle_gamma   120.000
#
_symmetry.space_group_name_H-M   'P 61 2 2'
#
loop_
_entity.id
_entity.type
_entity.pdbx_description
1 polymer 'N-lysine methyltransferase SETD8'
2 polymer 'helical peptide'
3 non-polymer S-ADENOSYLMETHIONINE
4 non-polymer 'UNKNOWN ATOM OR ION'
5 water water
#
loop_
_entity_poly.entity_id
_entity_poly.type
_entity_poly.pdbx_seq_one_letter_code
_entity_poly.pdbx_strand_id
1 'polypeptide(L)'
;AMGSRKSKAELQSEERKRIDELIESGKEEGMKIDLIDGKGRGVIATKQFSRGDFVVEYHGDLIEITDAKKREALYAQDPS
TGCYMYYFQYLSKTYCVDATRETNRLGRLINHSKSGNCQTKLHDIDGVPHLILIASRDIAAGEELLYDYGDRSKASIEAH
PWLKH
;
A,B
2 'polypeptide(L)' (UNK)(UNK)(UNK)(UNK)(UNK)(UNK)(UNK)(UNK)(UNK)(UNK) I
#
loop_
_chem_comp.id
_chem_comp.type
_chem_comp.name
_chem_comp.formula
SAM non-polymer S-ADENOSYLMETHIONINE 'C15 H22 N6 O5 S'
UNX non-polymer 'UNKNOWN ATOM OR ION' ?
#
# COMPACT_ATOMS: atom_id res chain seq x y z
N ARG A 5 -39.33 -23.50 20.72
CA ARG A 5 -38.05 -23.15 20.05
C ARG A 5 -38.28 -22.34 18.77
N LYS A 6 -37.45 -21.32 18.57
CA LYS A 6 -37.31 -20.66 17.26
C LYS A 6 -36.80 -21.71 16.27
N SER A 7 -37.29 -21.69 15.04
CA SER A 7 -36.78 -22.61 13.99
C SER A 7 -35.40 -22.19 13.46
N LYS A 8 -34.79 -23.04 12.64
CA LYS A 8 -33.49 -22.75 11.96
C LYS A 8 -33.51 -21.43 11.17
N ALA A 9 -34.61 -21.17 10.46
CA ALA A 9 -34.76 -19.99 9.58
C ALA A 9 -34.77 -18.70 10.40
N GLU A 10 -35.61 -18.66 11.44
CA GLU A 10 -35.65 -17.56 12.43
C GLU A 10 -34.27 -17.39 13.16
N LEU A 11 -33.72 -18.49 13.68
CA LEU A 11 -32.37 -18.47 14.31
C LEU A 11 -31.26 -17.95 13.34
N GLN A 12 -31.28 -18.42 12.09
CA GLN A 12 -30.29 -17.97 11.07
C GLN A 12 -30.51 -16.50 10.66
N SER A 13 -31.79 -16.10 10.53
CA SER A 13 -32.17 -14.69 10.27
C SER A 13 -31.65 -13.78 11.41
N GLU A 14 -31.88 -14.21 12.67
CA GLU A 14 -31.34 -13.52 13.88
C GLU A 14 -29.78 -13.39 13.90
N GLU A 15 -29.07 -14.49 13.61
CA GLU A 15 -27.57 -14.49 13.54
C GLU A 15 -27.02 -13.51 12.48
N ARG A 16 -27.74 -13.41 11.39
CA ARG A 16 -27.34 -12.51 10.33
C ARG A 16 -27.43 -11.08 10.86
N LYS A 17 -28.54 -10.78 11.57
CA LYS A 17 -28.79 -9.47 12.17
C LYS A 17 -27.71 -9.08 13.19
N ARG A 18 -27.07 -10.06 13.83
CA ARG A 18 -25.98 -9.79 14.78
C ARG A 18 -24.75 -9.25 14.06
N ILE A 19 -24.40 -9.89 12.93
CA ILE A 19 -23.26 -9.47 12.14
C ILE A 19 -23.59 -8.09 11.54
N ASP A 20 -24.78 -7.97 10.98
CA ASP A 20 -25.31 -6.69 10.50
C ASP A 20 -25.08 -5.55 11.51
N GLU A 21 -25.49 -5.76 12.75
CA GLU A 21 -25.39 -4.75 13.83
C GLU A 21 -23.94 -4.38 14.11
N LEU A 22 -23.06 -5.40 14.17
CA LEU A 22 -21.62 -5.16 14.38
C LEU A 22 -21.03 -4.34 13.27
N ILE A 23 -21.39 -4.68 12.02
CA ILE A 23 -20.87 -3.97 10.85
C ILE A 23 -21.37 -2.56 10.88
N GLU A 24 -22.68 -2.40 11.03
CA GLU A 24 -23.29 -1.07 10.98
C GLU A 24 -22.89 -0.13 12.15
N SER A 25 -22.80 -0.66 13.37
CA SER A 25 -22.37 0.16 14.53
C SER A 25 -20.89 0.56 14.43
N GLY A 26 -20.08 -0.28 13.78
CA GLY A 26 -18.67 0.00 13.60
C GLY A 26 -17.89 0.15 14.89
N LYS A 27 -18.35 -0.52 15.97
CA LYS A 27 -17.64 -0.43 17.31
CA LYS A 27 -17.59 -0.70 17.17
C LYS A 27 -16.12 -0.81 17.39
C LYS A 27 -16.60 -1.75 16.77
N GLU A 28 -15.73 -1.93 16.75
N GLU A 28 -15.37 -1.50 17.15
CA GLU A 28 -14.31 -2.44 16.72
CA GLU A 28 -14.32 -2.35 16.78
C GLU A 28 -13.65 -2.64 18.11
N GLU A 29 -14.36 -3.35 18.97
CA GLU A 29 -13.91 -3.62 20.31
C GLU A 29 -12.96 -4.80 20.30
N GLY A 30 -12.13 -4.87 21.32
CA GLY A 30 -11.25 -6.01 21.55
C GLY A 30 -9.94 -5.99 20.77
N MET A 31 -9.49 -4.79 20.37
CA MET A 31 -8.36 -4.63 19.46
C MET A 31 -7.63 -3.36 19.84
N LYS A 32 -6.31 -3.35 19.70
CA LYS A 32 -5.50 -2.13 19.84
C LYS A 32 -4.38 -2.12 18.83
N ILE A 33 -3.83 -0.95 18.59
CA ILE A 33 -2.74 -0.79 17.64
C ILE A 33 -1.43 -0.83 18.39
N ASP A 34 -0.46 -1.55 17.86
CA ASP A 34 0.87 -1.60 18.41
C ASP A 34 1.84 -1.33 17.28
N LEU A 35 3.06 -0.93 17.60
CA LEU A 35 4.11 -0.83 16.60
C LEU A 35 4.92 -2.11 16.70
N ILE A 36 5.07 -2.79 15.58
CA ILE A 36 5.61 -4.13 15.56
C ILE A 36 6.81 -4.17 14.67
N ASP A 37 7.92 -4.61 15.22
CA ASP A 37 9.16 -4.63 14.43
C ASP A 37 9.02 -5.41 13.16
N GLY A 38 9.44 -4.82 12.06
CA GLY A 38 9.40 -5.51 10.74
C GLY A 38 8.07 -5.33 10.01
N LYS A 39 7.07 -4.78 10.67
CA LYS A 39 5.75 -4.63 10.04
C LYS A 39 5.19 -3.24 10.09
N GLY A 40 5.64 -2.40 11.02
CA GLY A 40 5.03 -1.09 11.19
C GLY A 40 3.95 -1.16 12.25
N ARG A 41 2.78 -0.63 11.93
CA ARG A 41 1.66 -0.73 12.82
C ARG A 41 1.02 -2.09 12.62
N GLY A 42 0.49 -2.67 13.68
CA GLY A 42 -0.35 -3.86 13.56
C GLY A 42 -1.42 -3.82 14.62
N VAL A 43 -2.29 -4.82 14.64
CA VAL A 43 -3.43 -4.81 15.56
C VAL A 43 -3.33 -6.01 16.43
N ILE A 44 -3.47 -5.81 17.72
CA ILE A 44 -3.34 -6.85 18.71
C ILE A 44 -4.70 -7.11 19.35
N ALA A 45 -5.06 -8.37 19.52
CA ALA A 45 -6.30 -8.72 20.27
C ALA A 45 -6.14 -8.39 21.76
N THR A 46 -7.12 -7.70 22.34
CA THR A 46 -7.11 -7.41 23.76
C THR A 46 -8.14 -8.27 24.52
N LYS A 47 -8.86 -9.10 23.77
CA LYS A 47 -9.77 -10.09 24.33
C LYS A 47 -9.68 -11.37 23.50
N GLN A 48 -10.16 -12.47 24.07
CA GLN A 48 -10.22 -13.74 23.34
C GLN A 48 -11.27 -13.64 22.26
N PHE A 49 -10.97 -14.21 21.11
CA PHE A 49 -11.97 -14.44 20.09
C PHE A 49 -12.08 -15.94 19.87
N SER A 50 -13.29 -16.44 19.66
CA SER A 50 -13.50 -17.85 19.30
C SER A 50 -13.54 -18.04 17.78
N ARG A 51 -13.12 -19.23 17.33
CA ARG A 51 -13.19 -19.61 15.91
C ARG A 51 -14.56 -19.27 15.40
N GLY A 52 -14.61 -18.56 14.28
CA GLY A 52 -15.88 -18.14 13.69
C GLY A 52 -16.42 -16.78 14.12
N ASP A 53 -15.94 -16.23 15.25
CA ASP A 53 -16.36 -14.88 15.71
C ASP A 53 -16.04 -13.78 14.70
N PHE A 54 -16.92 -12.79 14.65
CA PHE A 54 -16.70 -11.59 13.87
C PHE A 54 -15.56 -10.86 14.54
N VAL A 55 -14.57 -10.46 13.75
CA VAL A 55 -13.46 -9.68 14.30
C VAL A 55 -13.60 -8.17 13.97
N VAL A 56 -13.59 -7.83 12.68
CA VAL A 56 -13.69 -6.46 12.26
C VAL A 56 -14.04 -6.45 10.80
N GLU A 57 -14.68 -5.38 10.36
CA GLU A 57 -14.84 -5.15 8.93
C GLU A 57 -13.52 -4.65 8.31
N TYR A 58 -13.25 -5.08 7.09
CA TYR A 58 -12.23 -4.45 6.27
C TYR A 58 -12.92 -3.25 5.66
N HIS A 59 -12.86 -2.13 6.39
CA HIS A 59 -13.65 -0.96 6.07
C HIS A 59 -12.80 0.04 5.28
N GLY A 60 -13.38 0.54 4.18
CA GLY A 60 -12.74 1.53 3.31
C GLY A 60 -13.79 2.08 2.36
N ASP A 61 -13.38 2.62 1.22
CA ASP A 61 -14.32 3.09 0.19
CA ASP A 61 -14.34 3.09 0.21
C ASP A 61 -14.64 1.92 -0.75
N LEU A 62 -15.88 1.46 -0.77
CA LEU A 62 -16.29 0.38 -1.70
C LEU A 62 -16.47 0.93 -3.10
N ILE A 63 -15.73 0.39 -4.07
CA ILE A 63 -15.75 0.86 -5.46
C ILE A 63 -16.13 -0.31 -6.35
N GLU A 64 -17.19 -0.16 -7.15
CA GLU A 64 -17.46 -1.16 -8.16
C GLU A 64 -16.51 -0.88 -9.32
N ILE A 65 -15.76 -1.91 -9.73
CA ILE A 65 -14.91 -1.85 -10.91
C ILE A 65 -15.72 -2.44 -12.06
N THR A 66 -15.94 -1.61 -13.09
CA THR A 66 -16.83 -1.95 -14.20
C THR A 66 -16.15 -1.97 -15.56
N ASP A 67 -14.82 -1.94 -15.61
CA ASP A 67 -14.10 -1.69 -16.87
C ASP A 67 -12.78 -2.44 -16.86
N ALA A 68 -12.51 -3.19 -17.93
CA ALA A 68 -11.27 -3.99 -18.03
C ALA A 68 -9.97 -3.18 -17.87
N LYS A 69 -9.92 -1.99 -18.48
CA LYS A 69 -8.74 -1.10 -18.33
C LYS A 69 -8.51 -0.70 -16.86
N LYS A 70 -9.60 -0.51 -16.11
CA LYS A 70 -9.50 -0.18 -14.70
C LYS A 70 -8.97 -1.37 -13.89
N ARG A 71 -9.42 -2.58 -14.20
CA ARG A 71 -8.89 -3.78 -13.57
C ARG A 71 -7.40 -3.91 -13.84
N GLU A 72 -7.02 -3.64 -15.07
CA GLU A 72 -5.60 -3.62 -15.46
C GLU A 72 -4.77 -2.58 -14.71
N ALA A 73 -5.32 -1.38 -14.53
CA ALA A 73 -4.68 -0.32 -13.74
C ALA A 73 -4.52 -0.70 -12.29
N LEU A 74 -5.55 -1.33 -11.70
CA LEU A 74 -5.41 -1.86 -10.37
C LEU A 74 -4.30 -2.90 -10.26
N TYR A 75 -4.26 -3.86 -11.20
CA TYR A 75 -3.19 -4.84 -11.24
C TYR A 75 -1.80 -4.13 -11.32
N ALA A 76 -1.71 -3.10 -12.16
CA ALA A 76 -0.44 -2.40 -12.35
C ALA A 76 0.00 -1.61 -11.11
N GLN A 77 -0.91 -1.36 -10.18
CA GLN A 77 -0.59 -0.67 -8.94
C GLN A 77 -0.49 -1.61 -7.77
N ASP A 78 -0.46 -2.91 -8.02
CA ASP A 78 -0.59 -3.84 -6.90
C ASP A 78 0.60 -3.74 -5.91
N PRO A 79 1.83 -3.60 -6.40
CA PRO A 79 2.94 -3.50 -5.41
C PRO A 79 2.87 -2.22 -4.55
N SER A 80 2.59 -1.08 -5.17
CA SER A 80 2.54 0.21 -4.46
C SER A 80 1.34 0.38 -3.53
N THR A 81 0.17 -0.11 -3.93
CA THR A 81 -1.08 0.19 -3.21
C THR A 81 -1.93 -1.00 -2.85
N GLY A 82 -1.56 -2.17 -3.37
CA GLY A 82 -2.39 -3.38 -3.26
C GLY A 82 -2.54 -3.92 -1.85
N CYS A 83 -1.62 -3.62 -0.93
CA CYS A 83 -1.82 -4.06 0.44
C CYS A 83 -3.00 -3.36 1.13
N TYR A 84 -3.40 -2.21 0.60
CA TYR A 84 -4.44 -1.40 1.18
C TYR A 84 -5.70 -1.38 0.35
N MET A 85 -5.82 -2.33 -0.58
CA MET A 85 -7.03 -2.49 -1.39
C MET A 85 -7.34 -3.99 -1.48
N TYR A 86 -8.60 -4.34 -1.43
CA TYR A 86 -8.96 -5.73 -1.52
C TYR A 86 -9.99 -5.84 -2.65
N TYR A 87 -9.62 -6.56 -3.70
CA TYR A 87 -10.43 -6.79 -4.84
C TYR A 87 -11.15 -8.13 -4.76
N PHE A 88 -12.44 -8.14 -5.10
CA PHE A 88 -13.19 -9.38 -5.13
C PHE A 88 -14.33 -9.32 -6.14
N GLN A 89 -14.67 -10.50 -6.64
CA GLN A 89 -15.82 -10.71 -7.47
C GLN A 89 -17.00 -11.10 -6.57
N TYR A 90 -18.18 -10.56 -6.89
CA TYR A 90 -19.40 -10.93 -6.17
C TYR A 90 -20.51 -10.95 -7.18
N LEU A 91 -20.99 -12.17 -7.45
CA LEU A 91 -21.93 -12.44 -8.50
C LEU A 91 -21.41 -11.84 -9.81
N SER A 92 -22.23 -11.00 -10.46
CA SER A 92 -21.90 -10.43 -11.75
C SER A 92 -20.97 -9.23 -11.66
N LYS A 93 -20.62 -8.80 -10.43
CA LYS A 93 -19.89 -7.59 -10.22
C LYS A 93 -18.49 -7.84 -9.65
N THR A 94 -17.60 -6.88 -9.89
CA THR A 94 -16.29 -6.88 -9.28
C THR A 94 -16.14 -5.62 -8.50
N TYR A 95 -15.62 -5.73 -7.28
CA TYR A 95 -15.48 -4.62 -6.38
C TYR A 95 -14.06 -4.54 -5.83
N CYS A 96 -13.74 -3.36 -5.33
CA CYS A 96 -12.51 -3.12 -4.64
C CYS A 96 -12.82 -2.31 -3.40
N VAL A 97 -12.37 -2.78 -2.23
CA VAL A 97 -12.47 -1.97 -1.03
C VAL A 97 -11.18 -1.19 -0.95
N ASP A 98 -11.29 0.11 -1.15
CA ASP A 98 -10.12 1.00 -1.19
C ASP A 98 -9.88 1.57 0.22
N ALA A 99 -8.92 1.02 0.91
CA ALA A 99 -8.57 1.45 2.26
C ALA A 99 -7.24 2.21 2.29
N THR A 100 -6.93 2.95 1.23
CA THR A 100 -5.67 3.69 1.16
C THR A 100 -5.64 4.90 2.10
N ARG A 101 -6.80 5.49 2.39
CA ARG A 101 -6.89 6.67 3.21
C ARG A 101 -6.79 6.33 4.71
N GLU A 102 -6.00 7.09 5.44
CA GLU A 102 -5.89 6.94 6.87
C GLU A 102 -7.24 7.32 7.50
N THR A 103 -7.76 6.45 8.35
CA THR A 103 -8.99 6.67 9.11
C THR A 103 -8.74 6.11 10.52
N ASN A 104 -9.73 6.16 11.37
CA ASN A 104 -9.70 5.54 12.70
CA ASN A 104 -9.58 5.53 12.68
C ASN A 104 -10.05 4.05 12.68
N ARG A 105 -10.29 3.49 11.50
CA ARG A 105 -10.68 2.06 11.41
C ARG A 105 -9.49 1.12 11.51
N LEU A 106 -9.71 -0.04 12.12
CA LEU A 106 -8.62 -0.97 12.46
C LEU A 106 -8.33 -2.06 11.45
N GLY A 107 -9.33 -2.45 10.65
CA GLY A 107 -9.20 -3.58 9.73
C GLY A 107 -8.06 -3.38 8.75
N ARG A 108 -7.95 -2.16 8.27
CA ARG A 108 -6.89 -1.77 7.35
C ARG A 108 -5.48 -1.78 7.96
N LEU A 109 -5.37 -1.96 9.30
CA LEU A 109 -4.04 -1.96 9.94
C LEU A 109 -3.56 -3.33 10.28
N ILE A 110 -4.35 -4.34 9.91
CA ILE A 110 -4.04 -5.73 10.19
C ILE A 110 -3.05 -6.23 9.14
N ASN A 111 -1.99 -6.90 9.63
CA ASN A 111 -0.90 -7.38 8.80
C ASN A 111 -1.19 -8.76 8.20
N HIS A 112 -0.29 -9.19 7.34
CA HIS A 112 -0.46 -10.41 6.55
C HIS A 112 0.21 -11.62 7.12
N SER A 113 -0.48 -12.75 7.01
CA SER A 113 0.12 -14.05 7.11
C SER A 113 -0.74 -15.06 6.32
N LYS A 114 -0.11 -16.00 5.65
CA LYS A 114 -0.84 -17.07 4.96
C LYS A 114 -1.45 -18.07 5.93
N SER A 115 -0.88 -18.11 7.14
CA SER A 115 -1.38 -18.96 8.21
C SER A 115 -1.92 -18.11 9.38
N GLY A 116 -2.61 -17.00 9.07
CA GLY A 116 -3.04 -16.06 10.10
C GLY A 116 -4.29 -16.55 10.84
N ASN A 117 -4.62 -15.87 11.93
CA ASN A 117 -5.71 -16.28 12.77
C ASN A 117 -7.09 -15.71 12.35
N CYS A 118 -7.13 -14.90 11.29
CA CYS A 118 -8.38 -14.39 10.70
C CYS A 118 -8.48 -14.75 9.22
N GLN A 119 -9.66 -14.61 8.67
CA GLN A 119 -9.90 -14.86 7.24
C GLN A 119 -11.02 -13.99 6.77
N THR A 120 -10.99 -13.65 5.49
CA THR A 120 -11.98 -12.75 4.91
C THR A 120 -13.25 -13.53 4.61
N LYS A 121 -14.38 -12.82 4.64
CA LYS A 121 -15.69 -13.39 4.32
C LYS A 121 -16.50 -12.24 3.74
N LEU A 122 -17.33 -12.52 2.73
CA LEU A 122 -18.28 -11.52 2.21
C LEU A 122 -19.56 -11.65 2.98
N HIS A 123 -20.16 -10.51 3.31
CA HIS A 123 -21.39 -10.48 4.03
C HIS A 123 -22.28 -9.40 3.37
N ASP A 124 -23.36 -9.84 2.80
CA ASP A 124 -24.28 -9.02 2.00
C ASP A 124 -25.23 -8.30 2.94
N ILE A 125 -25.30 -6.96 2.87
CA ILE A 125 -26.36 -6.21 3.57
C ILE A 125 -27.12 -5.39 2.55
N ASP A 126 -28.41 -5.65 2.40
CA ASP A 126 -29.26 -4.91 1.45
C ASP A 126 -28.68 -4.88 0.01
N GLY A 127 -28.01 -5.95 -0.41
CA GLY A 127 -27.43 -6.03 -1.77
C GLY A 127 -26.04 -5.49 -1.93
N VAL A 128 -25.44 -5.01 -0.84
CA VAL A 128 -24.11 -4.48 -0.88
C VAL A 128 -23.20 -5.45 -0.15
N PRO A 129 -22.14 -5.92 -0.81
CA PRO A 129 -21.23 -6.84 -0.14
C PRO A 129 -20.27 -6.08 0.80
N HIS A 130 -20.19 -6.54 2.05
CA HIS A 130 -19.23 -6.05 3.02
C HIS A 130 -18.16 -7.11 3.19
N LEU A 131 -16.91 -6.68 3.25
CA LEU A 131 -15.79 -7.59 3.41
C LEU A 131 -15.41 -7.58 4.86
N ILE A 132 -15.51 -8.73 5.52
CA ILE A 132 -15.29 -8.83 6.97
C ILE A 132 -14.20 -9.83 7.28
N LEU A 133 -13.62 -9.70 8.49
CA LEU A 133 -12.68 -10.66 9.01
C LEU A 133 -13.32 -11.43 10.15
N ILE A 134 -13.28 -12.75 10.06
CA ILE A 134 -13.68 -13.58 11.13
C ILE A 134 -12.47 -14.41 11.63
N ALA A 135 -12.56 -14.92 12.85
CA ALA A 135 -11.47 -15.70 13.44
C ALA A 135 -11.45 -17.10 12.86
N SER A 136 -10.27 -17.52 12.37
CA SER A 136 -10.12 -18.85 11.77
C SER A 136 -9.81 -19.93 12.79
N ARG A 137 -9.47 -19.51 14.00
CA ARG A 137 -9.23 -20.38 15.13
C ARG A 137 -9.43 -19.53 16.39
N ASP A 138 -9.49 -20.15 17.55
CA ASP A 138 -9.55 -19.37 18.78
C ASP A 138 -8.31 -18.47 18.84
N ILE A 139 -8.50 -17.21 19.22
CA ILE A 139 -7.40 -16.21 19.32
C ILE A 139 -7.28 -15.77 20.79
N ALA A 140 -6.04 -15.75 21.32
CA ALA A 140 -5.82 -15.34 22.72
C ALA A 140 -5.60 -13.87 22.77
N ALA A 141 -5.98 -13.27 23.89
CA ALA A 141 -5.64 -11.88 24.13
C ALA A 141 -4.11 -11.75 24.08
N GLY A 142 -3.62 -10.71 23.43
CA GLY A 142 -2.18 -10.55 23.26
C GLY A 142 -1.64 -10.96 21.89
N GLU A 143 -2.42 -11.71 21.11
CA GLU A 143 -1.98 -12.15 19.80
C GLU A 143 -2.19 -11.03 18.81
N GLU A 144 -1.24 -10.90 17.87
CA GLU A 144 -1.44 -10.07 16.67
C GLU A 144 -2.49 -10.71 15.77
N LEU A 145 -3.44 -9.91 15.32
CA LEU A 145 -4.35 -10.35 14.26
C LEU A 145 -3.62 -10.33 12.91
N LEU A 146 -3.83 -11.37 12.14
CA LEU A 146 -3.22 -11.54 10.84
C LEU A 146 -4.20 -12.28 9.90
N TYR A 147 -4.22 -11.93 8.64
CA TYR A 147 -4.99 -12.72 7.66
C TYR A 147 -4.20 -12.78 6.35
N ASP A 148 -4.62 -13.66 5.44
CA ASP A 148 -3.97 -13.80 4.13
C ASP A 148 -4.46 -12.69 3.18
N TYR A 149 -3.51 -11.83 2.73
CA TYR A 149 -3.82 -10.73 1.83
C TYR A 149 -4.31 -11.25 0.47
N GLY A 150 -4.09 -12.52 0.17
CA GLY A 150 -4.72 -13.15 -1.01
C GLY A 150 -3.87 -13.03 -2.26
N ASP A 151 -4.52 -13.04 -3.43
CA ASP A 151 -3.83 -13.04 -4.73
C ASP A 151 -3.17 -11.71 -4.92
N ARG A 152 -1.89 -11.71 -5.23
CA ARG A 152 -1.14 -10.48 -5.48
C ARG A 152 -0.35 -10.73 -6.73
N SER A 153 0.05 -9.69 -7.44
CA SER A 153 0.87 -9.85 -8.65
C SER A 153 2.28 -10.40 -8.37
N LYS A 154 2.96 -10.84 -9.43
CA LYS A 154 4.36 -11.27 -9.30
C LYS A 154 5.24 -10.13 -8.82
N ALA A 155 5.00 -8.93 -9.36
CA ALA A 155 5.77 -7.74 -8.93
C ALA A 155 5.60 -7.50 -7.43
N SER A 156 4.38 -7.73 -6.90
CA SER A 156 4.14 -7.58 -5.49
C SER A 156 4.95 -8.52 -4.64
N ILE A 157 5.16 -9.74 -5.12
CA ILE A 157 5.95 -10.72 -4.37
C ILE A 157 7.40 -10.28 -4.32
N GLU A 158 7.90 -9.74 -5.41
CA GLU A 158 9.23 -9.12 -5.43
C GLU A 158 9.34 -7.90 -4.49
N ALA A 159 8.31 -7.06 -4.44
CA ALA A 159 8.34 -5.88 -3.58
C ALA A 159 8.17 -6.26 -2.15
N HIS A 160 7.41 -7.33 -1.91
CA HIS A 160 6.89 -7.69 -0.60
C HIS A 160 7.03 -9.23 -0.36
N PRO A 161 8.26 -9.73 -0.18
CA PRO A 161 8.47 -11.18 -0.16
C PRO A 161 7.90 -11.89 1.11
N TRP A 162 7.57 -11.08 2.11
CA TRP A 162 6.85 -11.57 3.28
C TRP A 162 5.47 -12.09 2.89
N LEU A 163 4.98 -11.76 1.68
CA LEU A 163 3.71 -12.31 1.19
C LEU A 163 3.72 -13.84 1.08
N LYS A 164 4.89 -14.43 0.95
CA LYS A 164 5.01 -15.88 0.83
C LYS A 164 4.75 -16.70 2.12
N HIS A 165 4.63 -16.05 3.29
CA HIS A 165 4.42 -16.78 4.52
C HIS A 165 3.35 -16.14 5.35
N ARG B 16 23.90 20.96 -18.88
CA ARG B 16 22.51 20.83 -19.42
C ARG B 16 22.48 19.84 -20.58
N LYS B 17 23.29 20.12 -21.61
CA LYS B 17 23.22 19.39 -22.91
C LYS B 17 23.12 17.88 -22.80
N ARG B 18 24.16 17.25 -22.24
CA ARG B 18 24.23 15.79 -22.12
C ARG B 18 23.15 15.20 -21.19
N ILE B 19 22.86 15.92 -20.12
CA ILE B 19 21.79 15.53 -19.18
C ILE B 19 20.41 15.49 -19.91
N ASP B 20 20.10 16.52 -20.70
CA ASP B 20 18.81 16.59 -21.43
C ASP B 20 18.57 15.40 -22.35
N GLU B 21 19.62 14.94 -23.03
CA GLU B 21 19.51 13.80 -23.95
C GLU B 21 19.25 12.53 -23.16
N LEU B 22 19.94 12.39 -22.03
CA LEU B 22 19.73 11.25 -21.14
C LEU B 22 18.28 11.20 -20.67
N ILE B 23 17.74 12.35 -20.28
CA ILE B 23 16.35 12.44 -19.82
C ILE B 23 15.38 12.10 -20.94
N GLU B 24 15.61 12.73 -22.09
CA GLU B 24 14.73 12.60 -23.23
C GLU B 24 14.67 11.19 -23.82
N SER B 25 15.81 10.53 -23.98
CA SER B 25 15.82 9.16 -24.51
C SER B 25 15.26 8.12 -23.53
N GLY B 26 15.41 8.38 -22.22
CA GLY B 26 15.01 7.44 -21.20
C GLY B 26 15.89 6.22 -21.19
N LYS B 27 17.16 6.43 -21.51
CA LYS B 27 18.15 5.35 -21.64
C LYS B 27 18.36 4.56 -20.33
N GLU B 28 18.35 5.27 -19.21
CA GLU B 28 18.54 4.66 -17.89
C GLU B 28 19.67 3.61 -17.88
N GLU B 29 20.85 4.03 -18.28
CA GLU B 29 22.07 3.19 -18.32
C GLU B 29 22.75 3.14 -16.97
N GLY B 30 23.58 2.12 -16.77
CA GLY B 30 24.40 2.02 -15.56
C GLY B 30 23.68 1.53 -14.33
N MET B 31 22.55 0.86 -14.51
CA MET B 31 21.72 0.45 -13.36
C MET B 31 21.10 -0.91 -13.61
N LYS B 32 20.87 -1.66 -12.55
CA LYS B 32 20.21 -2.95 -12.64
C LYS B 32 19.33 -3.12 -11.39
N ILE B 33 18.29 -3.92 -11.54
CA ILE B 33 17.36 -4.19 -10.46
C ILE B 33 17.83 -5.45 -9.75
N ASP B 34 17.75 -5.42 -8.43
CA ASP B 34 18.05 -6.57 -7.63
C ASP B 34 17.02 -6.68 -6.56
N LEU B 35 16.96 -7.84 -5.94
CA LEU B 35 16.08 -8.05 -4.83
C LEU B 35 16.96 -7.93 -3.57
N ILE B 36 16.64 -6.99 -2.71
CA ILE B 36 17.50 -6.62 -1.58
C ILE B 36 16.78 -6.94 -0.28
N ASP B 37 17.43 -7.73 0.57
CA ASP B 37 16.78 -8.14 1.80
C ASP B 37 16.29 -6.94 2.62
N GLY B 38 15.06 -7.02 3.08
CA GLY B 38 14.45 -5.98 3.94
C GLY B 38 13.81 -4.82 3.13
N LYS B 39 14.05 -4.78 1.82
CA LYS B 39 13.63 -3.64 0.99
C LYS B 39 12.73 -4.01 -0.19
N GLY B 40 12.68 -5.28 -0.57
CA GLY B 40 12.06 -5.71 -1.82
C GLY B 40 13.00 -5.54 -3.00
N ARG B 41 12.53 -4.86 -4.04
CA ARG B 41 13.37 -4.54 -5.16
C ARG B 41 14.17 -3.28 -4.86
N GLY B 42 15.38 -3.21 -5.41
CA GLY B 42 16.16 -1.98 -5.39
C GLY B 42 16.99 -1.87 -6.62
N VAL B 43 17.65 -0.71 -6.78
CA VAL B 43 18.48 -0.44 -7.96
C VAL B 43 19.96 -0.35 -7.56
N ILE B 44 20.80 -1.13 -8.25
CA ILE B 44 22.21 -1.19 -8.00
C ILE B 44 22.94 -0.50 -9.14
N ALA B 45 23.95 0.29 -8.83
CA ALA B 45 24.75 0.92 -9.89
C ALA B 45 25.65 -0.11 -10.52
N THR B 46 25.73 -0.10 -11.84
CA THR B 46 26.63 -1.00 -12.56
C THR B 46 27.78 -0.23 -13.18
N LYS B 47 27.88 1.05 -12.88
CA LYS B 47 29.04 1.82 -13.27
C LYS B 47 29.27 2.86 -12.24
N GLN B 48 30.43 3.48 -12.27
CA GLN B 48 30.68 4.62 -11.42
C GLN B 48 29.86 5.78 -11.88
N PHE B 49 29.31 6.52 -10.95
CA PHE B 49 28.79 7.87 -11.19
C PHE B 49 29.67 8.83 -10.38
N SER B 50 29.94 10.00 -10.94
CA SER B 50 30.68 11.02 -10.22
C SER B 50 29.69 11.94 -9.53
N ARG B 51 30.12 12.59 -8.44
CA ARG B 51 29.31 13.59 -7.75
C ARG B 51 28.72 14.61 -8.76
N GLY B 52 27.42 14.85 -8.66
CA GLY B 52 26.79 15.82 -9.56
C GLY B 52 26.25 15.24 -10.87
N ASP B 53 26.66 14.01 -11.23
CA ASP B 53 26.14 13.35 -12.46
C ASP B 53 24.64 13.04 -12.38
N PHE B 54 23.97 13.21 -13.51
CA PHE B 54 22.64 12.66 -13.68
C PHE B 54 22.70 11.14 -13.46
N VAL B 55 21.75 10.61 -12.70
CA VAL B 55 21.63 9.17 -12.49
C VAL B 55 20.40 8.67 -13.24
N VAL B 56 19.22 9.21 -12.93
CA VAL B 56 17.98 8.74 -13.52
C VAL B 56 16.88 9.73 -13.28
N GLU B 57 15.86 9.73 -14.15
CA GLU B 57 14.66 10.49 -13.87
C GLU B 57 13.76 9.77 -12.89
N TYR B 58 13.11 10.51 -12.00
CA TYR B 58 11.99 9.99 -11.25
C TYR B 58 10.76 10.14 -12.16
N HIS B 59 10.50 9.07 -12.91
CA HIS B 59 9.57 9.10 -14.03
C HIS B 59 8.30 8.39 -13.66
N GLY B 60 7.19 9.11 -13.78
CA GLY B 60 5.85 8.56 -13.45
C GLY B 60 4.83 9.40 -14.17
N ASP B 61 3.64 9.55 -13.59
CA ASP B 61 2.60 10.39 -14.18
C ASP B 61 2.63 11.73 -13.46
N LEU B 62 2.89 12.79 -14.20
CA LEU B 62 2.95 14.14 -13.61
C LEU B 62 1.55 14.67 -13.37
N ILE B 63 1.17 14.85 -12.11
CA ILE B 63 -0.18 15.36 -11.76
C ILE B 63 -0.05 16.78 -11.22
N GLU B 64 -0.87 17.70 -11.72
CA GLU B 64 -1.00 19.03 -11.13
C GLU B 64 -2.08 18.93 -10.07
N ILE B 65 -1.75 19.26 -8.82
CA ILE B 65 -2.74 19.18 -7.73
CA ILE B 65 -2.72 19.17 -7.71
C ILE B 65 -3.45 20.51 -7.58
N THR B 66 -4.67 20.57 -8.09
CA THR B 66 -5.46 21.80 -8.07
C THR B 66 -6.80 21.67 -7.33
N ASP B 67 -7.23 20.45 -7.08
CA ASP B 67 -8.52 20.14 -6.51
C ASP B 67 -8.34 19.85 -5.01
N ALA B 68 -9.17 20.45 -4.15
CA ALA B 68 -9.17 20.16 -2.70
C ALA B 68 -9.49 18.67 -2.33
N LYS B 69 -10.39 18.01 -3.09
CA LYS B 69 -10.66 16.58 -2.87
C LYS B 69 -9.39 15.76 -3.06
N LYS B 70 -8.72 15.99 -4.20
CA LYS B 70 -7.50 15.25 -4.54
C LYS B 70 -6.40 15.52 -3.52
N ARG B 71 -6.24 16.79 -3.20
CA ARG B 71 -5.23 17.22 -2.24
C ARG B 71 -5.42 16.55 -0.86
N GLU B 72 -6.66 16.54 -0.37
CA GLU B 72 -6.96 15.94 0.92
C GLU B 72 -6.81 14.44 0.84
N ALA B 73 -7.17 13.83 -0.28
CA ALA B 73 -7.01 12.38 -0.44
C ALA B 73 -5.54 11.97 -0.46
N LEU B 74 -4.73 12.63 -1.27
CA LEU B 74 -3.29 12.34 -1.28
C LEU B 74 -2.61 12.48 0.12
N TYR B 75 -2.99 13.48 0.86
CA TYR B 75 -2.48 13.74 2.20
C TYR B 75 -2.79 12.55 3.12
N ALA B 76 -4.04 12.09 3.08
CA ALA B 76 -4.49 10.94 3.87
C ALA B 76 -3.97 9.58 3.38
N GLN B 77 -3.43 9.53 2.17
CA GLN B 77 -2.88 8.29 1.62
C GLN B 77 -1.40 8.21 1.79
N ASP B 78 -0.82 9.09 2.58
CA ASP B 78 0.64 9.15 2.62
C ASP B 78 1.31 7.83 3.06
N PRO B 79 0.79 7.18 4.08
CA PRO B 79 1.36 5.86 4.46
C PRO B 79 1.25 4.79 3.38
N SER B 80 0.08 4.68 2.75
CA SER B 80 -0.17 3.60 1.81
C SER B 80 0.52 3.81 0.47
N THR B 81 0.56 5.06 0.01
CA THR B 81 1.00 5.36 -1.37
C THR B 81 2.15 6.38 -1.48
N GLY B 82 2.44 7.09 -0.38
CA GLY B 82 3.39 8.17 -0.37
C GLY B 82 4.80 7.79 -0.73
N CYS B 83 5.19 6.53 -0.55
CA CYS B 83 6.51 6.10 -1.02
C CYS B 83 6.67 6.17 -2.52
N TYR B 84 5.55 6.25 -3.26
CA TYR B 84 5.58 6.20 -4.74
C TYR B 84 5.06 7.50 -5.37
N MET B 85 5.00 8.59 -4.59
CA MET B 85 4.61 9.88 -5.04
C MET B 85 5.60 10.91 -4.53
N TYR B 86 6.08 11.77 -5.40
CA TYR B 86 7.01 12.83 -4.97
C TYR B 86 6.41 14.18 -5.32
N TYR B 87 6.24 15.02 -4.30
CA TYR B 87 5.63 16.31 -4.46
C TYR B 87 6.68 17.41 -4.68
N PHE B 88 6.35 18.37 -5.52
CA PHE B 88 7.15 19.57 -5.69
C PHE B 88 6.31 20.73 -6.13
N GLN B 89 6.88 21.92 -5.99
CA GLN B 89 6.26 23.12 -6.45
C GLN B 89 7.04 23.61 -7.63
N TYR B 90 6.33 24.06 -8.64
CA TYR B 90 7.00 24.59 -9.80
C TYR B 90 6.19 25.75 -10.19
N LEU B 91 6.87 26.90 -10.18
CA LEU B 91 6.27 28.20 -10.22
C LEU B 91 5.27 28.30 -9.05
N SER B 92 3.98 28.55 -9.34
CA SER B 92 2.97 28.77 -8.31
CA SER B 92 3.00 28.76 -8.29
C SER B 92 2.02 27.59 -8.19
N LYS B 93 2.42 26.45 -8.72
CA LYS B 93 1.60 25.24 -8.75
C LYS B 93 2.23 24.13 -7.94
N THR B 94 1.40 23.27 -7.38
CA THR B 94 1.84 22.11 -6.68
C THR B 94 1.67 20.93 -7.61
N TYR B 95 2.75 20.18 -7.80
CA TYR B 95 2.77 18.97 -8.61
C TYR B 95 3.12 17.77 -7.81
N CYS B 96 2.85 16.63 -8.43
CA CYS B 96 3.17 15.36 -7.89
C CYS B 96 3.59 14.45 -9.07
N VAL B 97 4.71 13.75 -8.94
CA VAL B 97 4.99 12.65 -9.86
C VAL B 97 4.45 11.40 -9.21
N ASP B 98 3.39 10.83 -9.78
CA ASP B 98 2.74 9.62 -9.25
C ASP B 98 3.35 8.42 -9.96
N ALA B 99 4.20 7.69 -9.24
CA ALA B 99 4.89 6.52 -9.74
C ALA B 99 4.25 5.23 -9.20
N THR B 100 2.96 5.24 -8.89
CA THR B 100 2.32 4.02 -8.35
C THR B 100 2.18 2.85 -9.34
N ARG B 101 2.18 3.13 -10.64
CA ARG B 101 1.96 2.12 -11.67
CA ARG B 101 1.97 2.11 -11.66
C ARG B 101 3.28 1.44 -12.06
N GLU B 102 3.26 0.10 -12.13
CA GLU B 102 4.43 -0.62 -12.56
C GLU B 102 4.73 -0.26 -13.98
N THR B 103 6.01 0.07 -14.22
CA THR B 103 6.51 0.31 -15.58
C THR B 103 7.87 -0.31 -15.63
N ASN B 104 8.59 -0.17 -16.74
CA ASN B 104 10.01 -0.59 -16.74
C ASN B 104 10.99 0.49 -16.29
N ARG B 105 10.49 1.60 -15.75
CA ARG B 105 11.33 2.73 -15.35
C ARG B 105 11.97 2.47 -13.99
N LEU B 106 13.24 2.85 -13.82
CA LEU B 106 14.03 2.44 -12.65
C LEU B 106 13.99 3.43 -11.50
N GLY B 107 13.76 4.71 -11.77
CA GLY B 107 13.76 5.74 -10.72
C GLY B 107 12.86 5.37 -9.55
N ARG B 108 11.67 4.88 -9.89
CA ARG B 108 10.66 4.48 -8.95
C ARG B 108 10.97 3.20 -8.16
N LEU B 109 12.06 2.50 -8.48
CA LEU B 109 12.44 1.34 -7.73
C LEU B 109 13.58 1.68 -6.76
N ILE B 110 13.96 2.96 -6.69
CA ILE B 110 15.06 3.35 -5.83
C ILE B 110 14.55 3.51 -4.37
N ASN B 111 15.28 2.88 -3.45
CA ASN B 111 14.92 2.85 -2.04
C ASN B 111 15.43 4.11 -1.29
N HIS B 112 15.00 4.24 -0.04
CA HIS B 112 15.19 5.44 0.75
C HIS B 112 16.39 5.34 1.65
N SER B 113 17.10 6.45 1.77
CA SER B 113 17.97 6.73 2.90
C SER B 113 18.10 8.25 3.07
N LYS B 114 18.01 8.71 4.31
CA LYS B 114 18.32 10.11 4.68
C LYS B 114 19.75 10.53 4.35
N SER B 115 20.66 9.57 4.30
CA SER B 115 22.03 9.85 3.88
C SER B 115 22.37 9.08 2.58
N GLY B 116 21.46 9.16 1.60
CA GLY B 116 21.62 8.44 0.33
C GLY B 116 22.69 9.05 -0.59
N ASN B 117 23.10 8.27 -1.58
CA ASN B 117 24.08 8.70 -2.53
C ASN B 117 23.49 9.50 -3.73
N CYS B 118 22.18 9.64 -3.76
CA CYS B 118 21.49 10.43 -4.78
C CYS B 118 20.63 11.48 -4.09
N GLN B 119 20.32 12.53 -4.83
CA GLN B 119 19.39 13.54 -4.37
C GLN B 119 18.53 14.11 -5.49
N THR B 120 17.31 14.49 -5.15
CA THR B 120 16.36 15.02 -6.12
C THR B 120 16.71 16.44 -6.49
N LYS B 121 16.46 16.78 -7.76
CA LYS B 121 16.61 18.09 -8.25
C LYS B 121 15.50 18.29 -9.30
N LEU B 122 14.98 19.50 -9.42
CA LEU B 122 14.09 19.84 -10.52
C LEU B 122 14.93 20.27 -11.67
N HIS B 123 14.72 19.66 -12.81
CA HIS B 123 15.43 20.04 -14.02
C HIS B 123 14.40 20.50 -15.06
N ASP B 124 14.76 21.53 -15.78
CA ASP B 124 13.91 22.21 -16.70
C ASP B 124 14.31 21.75 -18.07
N ILE B 125 13.37 21.39 -18.93
CA ILE B 125 13.68 21.25 -20.39
C ILE B 125 12.70 22.13 -21.18
N ASP B 126 13.22 23.26 -21.69
CA ASP B 126 12.39 24.32 -22.29
C ASP B 126 11.10 24.55 -21.45
N GLY B 127 11.29 24.63 -20.13
CA GLY B 127 10.20 24.93 -19.19
C GLY B 127 9.49 23.73 -18.62
N VAL B 128 9.60 22.58 -19.31
CA VAL B 128 8.98 21.36 -18.84
C VAL B 128 9.72 20.90 -17.60
N PRO B 129 9.01 20.74 -16.45
CA PRO B 129 9.66 20.27 -15.22
C PRO B 129 9.93 18.76 -15.21
N HIS B 130 11.15 18.38 -14.89
CA HIS B 130 11.49 16.98 -14.71
C HIS B 130 12.10 16.83 -13.34
N LEU B 131 11.61 15.88 -12.56
CA LEU B 131 12.25 15.53 -11.30
C LEU B 131 13.31 14.48 -11.58
N ILE B 132 14.57 14.81 -11.31
CA ILE B 132 15.70 13.90 -11.56
C ILE B 132 16.49 13.57 -10.28
N LEU B 133 17.23 12.46 -10.33
CA LEU B 133 18.15 12.08 -9.27
C LEU B 133 19.57 12.32 -9.80
N ILE B 134 20.35 13.08 -9.03
CA ILE B 134 21.75 13.35 -9.31
C ILE B 134 22.62 12.72 -8.20
N ALA B 135 23.88 12.40 -8.51
CA ALA B 135 24.77 11.77 -7.51
C ALA B 135 25.19 12.85 -6.51
N SER B 136 24.90 12.61 -5.24
CA SER B 136 25.32 13.52 -4.16
C SER B 136 26.78 13.29 -3.79
N ARG B 137 27.35 12.17 -4.24
CA ARG B 137 28.79 11.90 -4.13
C ARG B 137 29.19 10.91 -5.22
N ASP B 138 30.47 10.66 -5.36
CA ASP B 138 30.92 9.61 -6.25
C ASP B 138 30.28 8.31 -5.82
N ILE B 139 29.77 7.56 -6.79
CA ILE B 139 29.13 6.29 -6.48
C ILE B 139 29.91 5.22 -7.19
N ALA B 140 30.18 4.13 -6.50
CA ALA B 140 31.00 3.04 -7.08
C ALA B 140 30.08 2.03 -7.66
N ALA B 141 30.56 1.35 -8.69
CA ALA B 141 29.81 0.21 -9.21
C ALA B 141 29.57 -0.80 -8.06
N GLY B 142 28.34 -1.31 -7.98
CA GLY B 142 27.91 -2.25 -6.95
C GLY B 142 27.12 -1.67 -5.78
N GLU B 143 27.12 -0.35 -5.61
CA GLU B 143 26.37 0.28 -4.57
C GLU B 143 24.91 0.34 -4.94
N GLU B 144 24.07 0.20 -3.95
CA GLU B 144 22.68 0.42 -4.10
C GLU B 144 22.46 1.94 -4.16
N LEU B 145 21.61 2.38 -5.10
CA LEU B 145 21.25 3.77 -5.22
C LEU B 145 20.18 4.08 -4.16
N LEU B 146 20.27 5.24 -3.52
CA LEU B 146 19.31 5.62 -2.45
C LEU B 146 19.20 7.10 -2.41
N TYR B 147 18.01 7.60 -2.06
CA TYR B 147 17.79 9.02 -1.87
C TYR B 147 16.79 9.25 -0.74
N ASP B 148 16.71 10.49 -0.26
CA ASP B 148 15.81 10.84 0.84
C ASP B 148 14.38 11.05 0.28
N TYR B 149 13.47 10.17 0.67
CA TYR B 149 12.07 10.22 0.23
C TYR B 149 11.39 11.52 0.64
N GLY B 150 11.98 12.23 1.60
CA GLY B 150 11.51 13.57 2.02
C GLY B 150 10.44 13.52 3.11
N ASP B 151 9.67 14.60 3.21
CA ASP B 151 8.65 14.78 4.25
C ASP B 151 7.63 13.69 4.16
N ARG B 152 7.35 13.04 5.29
CA ARG B 152 6.27 12.02 5.35
C ARG B 152 5.50 12.28 6.66
N SER B 153 4.26 11.86 6.73
CA SER B 153 3.43 12.11 7.91
C SER B 153 3.86 11.24 9.08
N LYS B 154 3.40 11.59 10.28
CA LYS B 154 3.63 10.79 11.46
C LYS B 154 3.20 9.33 11.22
N ALA B 155 2.03 9.16 10.64
CA ALA B 155 1.52 7.81 10.38
C ALA B 155 2.42 7.06 9.43
N SER B 156 3.00 7.75 8.43
CA SER B 156 3.93 7.11 7.54
C SER B 156 5.17 6.63 8.29
N ILE B 157 5.64 7.42 9.25
CA ILE B 157 6.83 7.05 10.02
C ILE B 157 6.51 5.83 10.92
N GLU B 158 5.30 5.71 11.44
CA GLU B 158 4.93 4.54 12.22
C GLU B 158 4.81 3.30 11.31
N ALA B 159 4.21 3.48 10.15
CA ALA B 159 4.09 2.41 9.14
C ALA B 159 5.39 1.95 8.58
N HIS B 160 6.32 2.91 8.42
CA HIS B 160 7.56 2.71 7.70
C HIS B 160 8.78 3.31 8.47
N PRO B 161 9.19 2.67 9.58
CA PRO B 161 10.19 3.31 10.49
C PRO B 161 11.59 3.41 9.92
N TRP B 162 11.84 2.67 8.82
CA TRP B 162 13.06 2.79 8.08
C TRP B 162 13.25 4.24 7.50
N LEU B 163 12.16 5.01 7.51
CA LEU B 163 12.19 6.42 7.05
C LEU B 163 13.09 7.26 7.93
N LYS B 164 13.31 6.80 9.14
CA LYS B 164 14.17 7.53 10.09
C LYS B 164 15.66 7.54 9.76
N HIS B 165 16.13 6.69 8.87
CA HIS B 165 17.56 6.64 8.56
C HIS B 165 17.78 6.58 7.09
N UNK C 1 -8.81 -26.70 5.50
CA UNK C 1 -9.24 -27.45 6.72
C UNK C 1 -9.66 -26.47 7.78
N UNK C 2 -8.70 -25.69 8.28
CA UNK C 2 -8.98 -24.72 9.35
C UNK C 2 -9.85 -23.61 8.78
N UNK C 3 -9.84 -23.51 7.45
CA UNK C 3 -10.73 -22.60 6.73
C UNK C 3 -12.15 -23.03 6.95
N UNK C 4 -12.40 -24.32 6.74
CA UNK C 4 -13.75 -24.88 6.78
C UNK C 4 -14.25 -25.03 8.21
N UNK C 5 -13.34 -25.30 9.14
CA UNK C 5 -13.71 -25.35 10.54
C UNK C 5 -14.12 -23.96 10.98
N UNK C 6 -13.54 -22.95 10.32
CA UNK C 6 -13.84 -21.56 10.66
C UNK C 6 -15.26 -21.14 10.28
N UNK C 7 -15.62 -21.30 9.01
CA UNK C 7 -16.96 -20.94 8.55
C UNK C 7 -17.99 -21.79 9.28
N UNK C 8 -17.58 -22.99 9.70
CA UNK C 8 -18.47 -23.91 10.39
C UNK C 8 -18.90 -23.32 11.70
N UNK C 9 -18.08 -22.45 12.27
CA UNK C 9 -18.40 -21.85 13.55
C UNK C 9 -18.81 -20.41 13.32
N UNK C 10 -18.85 -20.00 12.05
CA UNK C 10 -19.32 -18.66 11.68
C UNK C 10 -20.71 -18.50 12.22
N SAM D . 1.64 -2.20 8.80
CA SAM D . 0.64 -1.41 8.11
C SAM D . 0.73 0.03 8.53
O SAM D . 1.49 0.38 9.50
OXT SAM D . 0.10 0.86 7.87
CB SAM D . -0.77 -1.95 8.37
CG SAM D . -1.19 -3.04 7.34
SD SAM D . -1.17 -2.49 5.71
CE SAM D . -2.67 -2.93 5.06
C5' SAM D . 0.00 -3.20 4.67
C4' SAM D . 1.50 -2.95 4.94
O4' SAM D . 1.87 -3.59 6.19
C3' SAM D . 2.44 -3.61 3.95
O3' SAM D . 2.60 -2.98 2.66
C2' SAM D . 3.72 -3.77 4.75
O2' SAM D . 4.51 -2.56 4.89
C1' SAM D . 3.17 -4.15 6.11
N9 SAM D . 3.04 -5.61 6.33
C8 SAM D . 1.87 -6.29 6.38
N7 SAM D . 2.07 -7.57 6.66
C5 SAM D . 3.42 -7.72 6.80
C6 SAM D . 4.27 -8.82 7.05
N6 SAM D . 3.79 -10.08 7.25
N1 SAM D . 5.60 -8.58 7.12
C2 SAM D . 6.13 -7.37 6.93
N3 SAM D . 5.36 -6.30 6.65
C4 SAM D . 4.02 -6.43 6.60
UNK UNX E . -4.99 -6.28 -2.18
UNK UNX F . -19.70 -13.09 16.36
UNK UNX G . -13.33 -13.64 0.56
UNK UNX H . 11.32 -1.74 15.51
UNK UNX I . 12.52 -3.90 11.37
UNK UNX J . 9.87 -6.36 7.09
UNK UNX K . -6.39 -4.80 -6.09
UNK UNX L . -19.26 -14.55 -7.34
UNK UNX M . -6.81 5.21 -4.27
UNK UNX N . -7.65 -12.54 -3.15
UNK UNX O . -5.06 -6.15 2.12
UNK UNX P . -5.31 -8.19 -14.93
UNK UNX Q . -36.55 -23.45 9.72
N SAM R . 11.46 -1.56 -2.93
CA SAM R . 10.41 -0.97 -3.77
C SAM R . 9.71 -2.01 -4.61
O SAM R . 8.67 -1.67 -5.25
OXT SAM R . 10.14 -3.19 -4.65
CB SAM R . 10.99 0.12 -4.67
CG SAM R . 10.99 1.51 -4.00
SD SAM R . 9.42 2.06 -3.67
CE SAM R . 9.37 3.63 -4.31
C5' SAM R . 9.01 2.19 -2.00
C4' SAM R . 8.98 0.96 -1.04
O4' SAM R . 10.27 0.36 -0.89
C3' SAM R . 8.62 1.24 0.42
O3' SAM R . 7.25 1.39 0.70
C2' SAM R . 9.20 0.06 1.16
O2' SAM R . 8.41 -1.13 0.99
C1' SAM R . 10.49 -0.13 0.42
N9 SAM R . 11.63 0.64 0.97
C8 SAM R . 12.16 1.79 0.46
N7 SAM R . 13.25 2.19 1.18
C5 SAM R . 13.39 1.30 2.18
C6 SAM R . 14.30 1.14 3.30
N6 SAM R . 15.26 2.04 3.50
N1 SAM R . 14.13 0.07 4.12
C2 SAM R . 13.13 -0.84 3.93
N3 SAM R . 12.26 -0.73 2.90
C4 SAM R . 12.35 0.29 2.05
UNK UNX S . 3.60 -0.62 2.13
UNK UNX T . 7.65 14.64 -1.67
UNK UNX U . 6.45 10.74 -1.22
UNK UNX V . 13.34 18.86 -5.11
UNK UNX W . -0.14 17.74 -16.62
UNK UNX X . 6.05 -3.51 -16.06
UNK UNX Y . 9.51 8.54 -3.32
UNK UNX Z . 12.11 -3.98 6.07
UNK UNX AA . 25.49 14.28 -16.25
#